data_2Z3G
#
_entry.id   2Z3G
#
_cell.length_a   54.116
_cell.length_b   68.762
_cell.length_c   146.434
_cell.angle_alpha   90.00
_cell.angle_beta   90.00
_cell.angle_gamma   90.00
#
_symmetry.space_group_name_H-M   'P 21 21 21'
#
loop_
_entity.id
_entity.type
_entity.pdbx_description
1 polymer 'Blasticidin-S deaminase'
2 branched alpha-D-glucopyranose-(1-1)-alpha-D-glucopyranose
3 non-polymer 'ZINC ION'
4 water water
#
_entity_poly.entity_id   1
_entity_poly.type   'polypeptide(L)'
_entity_poly.pdbx_seq_one_letter_code
;MPLSQEESTLIERATATINSIPISEDYSVASAALSSDGRIFTGVNVYHFTGGPCAELVVLGTAAAAAAGNLTCIVAIGNE
NRGILSPCGRCRQVLLDLHPGIKAIVKDSDGQPTAVGIRELLPSGYVWEG
;
_entity_poly.pdbx_strand_id   A,B,C,D
#
loop_
_chem_comp.id
_chem_comp.type
_chem_comp.name
_chem_comp.formula
GLC D-saccharide, alpha linking alpha-D-glucopyranose 'C6 H12 O6'
ZN non-polymer 'ZINC ION' 'Zn 2'
#
# COMPACT_ATOMS: atom_id res chain seq x y z
N PRO A 2 -12.70 -3.02 31.84
CA PRO A 2 -11.36 -3.38 32.31
C PRO A 2 -10.78 -4.55 31.51
N LEU A 3 -9.56 -4.37 31.01
CA LEU A 3 -8.87 -5.38 30.21
C LEU A 3 -8.42 -6.53 31.08
N SER A 4 -8.18 -7.67 30.45
CA SER A 4 -7.50 -8.79 31.12
C SER A 4 -6.08 -8.37 31.46
N GLN A 5 -5.46 -9.10 32.38
CA GLN A 5 -4.09 -8.83 32.79
C GLN A 5 -3.11 -8.86 31.62
N GLU A 6 -3.25 -9.88 30.77
CA GLU A 6 -2.41 -10.04 29.57
C GLU A 6 -2.57 -8.89 28.58
N GLU A 7 -3.80 -8.43 28.40
CA GLU A 7 -4.08 -7.31 27.50
C GLU A 7 -3.43 -6.03 28.00
N SER A 8 -3.47 -5.81 29.32
CA SER A 8 -2.76 -4.71 29.96
C SER A 8 -1.25 -4.75 29.70
N THR A 9 -0.66 -5.93 29.74
N THR A 9 -0.68 -5.94 29.75
CA THR A 9 0.78 -6.04 29.48
CA THR A 9 0.75 -6.12 29.48
C THR A 9 1.13 -5.67 28.04
C THR A 9 1.10 -5.66 28.06
N LEU A 10 0.21 -5.91 27.11
CA LEU A 10 0.39 -5.47 25.72
C LEU A 10 0.58 -3.96 25.64
N ILE A 11 -0.27 -3.22 26.35
CA ILE A 11 -0.17 -1.77 26.39
C ILE A 11 1.18 -1.36 26.96
N GLU A 12 1.58 -2.01 28.06
CA GLU A 12 2.87 -1.73 28.68
C GLU A 12 4.03 -1.99 27.70
N ARG A 13 3.99 -3.13 27.02
CA ARG A 13 5.08 -3.51 26.12
C ARG A 13 5.21 -2.59 24.90
N ALA A 14 4.08 -2.26 24.28
CA ALA A 14 4.09 -1.36 23.12
C ALA A 14 4.51 0.05 23.53
N THR A 15 4.05 0.49 24.70
CA THR A 15 4.45 1.80 25.20
C THR A 15 5.95 1.85 25.47
N ALA A 16 6.49 0.83 26.12
CA ALA A 16 7.93 0.79 26.38
C ALA A 16 8.74 0.81 25.08
N THR A 17 8.24 0.08 24.09
CA THR A 17 8.92 0.00 22.80
C THR A 17 9.01 1.38 22.14
N ILE A 18 7.87 2.06 21.97
CA ILE A 18 7.93 3.37 21.31
C ILE A 18 8.70 4.40 22.13
N ASN A 19 8.60 4.33 23.46
CA ASN A 19 9.30 5.27 24.33
C ASN A 19 10.82 5.09 24.25
N SER A 20 11.25 3.90 23.82
CA SER A 20 12.66 3.54 23.85
C SER A 20 13.46 4.00 22.64
N ILE A 21 12.79 4.40 21.56
CA ILE A 21 13.50 4.69 20.31
C ILE A 21 13.56 6.21 20.06
N PRO A 22 14.56 6.66 19.29
CA PRO A 22 14.63 8.10 18.98
C PRO A 22 13.33 8.60 18.34
N ILE A 23 12.91 9.80 18.71
CA ILE A 23 11.72 10.39 18.12
C ILE A 23 11.96 10.55 16.63
N SER A 24 11.02 10.03 15.84
CA SER A 24 11.18 9.94 14.40
C SER A 24 9.84 10.12 13.72
N GLU A 25 9.88 10.77 12.56
N GLU A 25 9.87 10.76 12.55
CA GLU A 25 8.72 10.88 11.68
CA GLU A 25 8.68 10.86 11.70
C GLU A 25 8.46 9.58 10.94
C GLU A 25 8.50 9.63 10.81
N ASP A 26 9.51 8.77 10.76
CA ASP A 26 9.41 7.50 10.01
C ASP A 26 8.99 6.33 10.88
N TYR A 27 9.36 6.38 12.16
CA TYR A 27 9.16 5.30 13.12
C TYR A 27 8.49 5.93 14.34
N SER A 28 7.16 5.98 14.31
CA SER A 28 6.39 6.80 15.26
C SER A 28 5.33 6.06 16.05
N VAL A 29 5.11 4.79 15.74
CA VAL A 29 4.11 3.98 16.44
C VAL A 29 4.73 2.61 16.73
N ALA A 30 4.46 2.09 17.94
CA ALA A 30 4.80 0.70 18.24
C ALA A 30 3.52 -0.10 18.46
N SER A 31 3.62 -1.40 18.25
CA SER A 31 2.49 -2.29 18.43
C SER A 31 2.96 -3.55 19.16
N ALA A 32 2.07 -4.16 19.91
CA ALA A 32 2.33 -5.48 20.52
C ALA A 32 1.11 -6.36 20.37
N ALA A 33 1.33 -7.64 20.12
CA ALA A 33 0.24 -8.61 20.02
C ALA A 33 0.54 -9.82 20.87
N LEU A 34 -0.54 -10.46 21.33
CA LEU A 34 -0.48 -11.67 22.13
C LEU A 34 -0.89 -12.84 21.26
N SER A 35 -0.08 -13.91 21.28
CA SER A 35 -0.45 -15.16 20.61
C SER A 35 -1.23 -16.06 21.56
N SER A 36 -1.98 -17.00 20.99
CA SER A 36 -2.83 -17.89 21.79
C SER A 36 -2.03 -18.72 22.79
N ASP A 37 -0.73 -18.89 22.53
CA ASP A 37 0.18 -19.57 23.45
C ASP A 37 0.79 -18.67 24.53
N GLY A 38 0.49 -17.37 24.48
CA GLY A 38 0.92 -16.43 25.52
C GLY A 38 2.15 -15.57 25.19
N ARG A 39 2.78 -15.84 24.05
CA ARG A 39 3.95 -15.05 23.64
C ARG A 39 3.52 -13.65 23.19
N ILE A 40 4.43 -12.69 23.35
CA ILE A 40 4.16 -11.32 22.91
C ILE A 40 5.16 -10.95 21.81
N PHE A 41 4.64 -10.30 20.78
CA PHE A 41 5.46 -9.86 19.66
C PHE A 41 5.28 -8.36 19.47
N THR A 42 6.38 -7.69 19.17
CA THR A 42 6.33 -6.24 19.02
C THR A 42 6.80 -5.82 17.64
N GLY A 43 6.68 -4.52 17.36
CA GLY A 43 7.11 -3.97 16.08
C GLY A 43 6.85 -2.47 16.09
N VAL A 44 7.52 -1.78 15.19
CA VAL A 44 7.33 -0.36 14.96
C VAL A 44 6.98 -0.17 13.48
N ASN A 45 6.22 0.88 13.16
CA ASN A 45 5.86 1.14 11.78
C ASN A 45 7.08 1.53 10.94
N VAL A 46 6.89 1.50 9.62
CA VAL A 46 7.88 1.98 8.66
C VAL A 46 7.14 2.91 7.73
N TYR A 47 7.19 4.22 7.98
CA TYR A 47 6.44 5.14 7.13
C TYR A 47 6.97 5.16 5.70
N HIS A 48 6.07 5.04 4.73
CA HIS A 48 6.43 5.31 3.35
C HIS A 48 5.19 5.60 2.53
N PHE A 49 5.31 6.54 1.57
CA PHE A 49 4.15 6.94 0.77
C PHE A 49 3.54 5.81 -0.07
N THR A 50 4.34 4.78 -0.38
CA THR A 50 3.83 3.61 -1.09
C THR A 50 3.09 2.63 -0.19
N GLY A 51 2.93 2.99 1.09
CA GLY A 51 2.22 2.16 2.05
C GLY A 51 3.15 1.35 2.92
N GLY A 52 4.21 1.97 3.43
CA GLY A 52 5.08 1.29 4.39
C GLY A 52 4.22 0.77 5.52
N PRO A 53 4.57 -0.40 6.08
CA PRO A 53 3.65 -1.02 7.04
C PRO A 53 3.43 -0.24 8.32
N CYS A 54 2.18 -0.21 8.79
CA CYS A 54 1.91 0.19 10.16
C CYS A 54 2.56 -0.77 11.13
N ALA A 55 2.71 -0.31 12.36
CA ALA A 55 3.29 -1.15 13.42
C ALA A 55 2.57 -2.49 13.53
N GLU A 56 1.25 -2.48 13.40
CA GLU A 56 0.49 -3.74 13.51
C GLU A 56 0.93 -4.76 12.47
N LEU A 57 1.24 -4.30 11.26
CA LEU A 57 1.62 -5.24 10.21
C LEU A 57 3.02 -5.76 10.45
N VAL A 58 3.91 -4.91 10.98
CA VAL A 58 5.23 -5.37 11.38
C VAL A 58 5.11 -6.45 12.46
N VAL A 59 4.21 -6.24 13.41
CA VAL A 59 3.94 -7.24 14.45
C VAL A 59 3.45 -8.56 13.81
N LEU A 60 2.55 -8.48 12.84
CA LEU A 60 2.07 -9.69 12.19
C LEU A 60 3.20 -10.49 11.53
N GLY A 61 4.14 -9.80 10.90
CA GLY A 61 5.27 -10.47 10.26
C GLY A 61 6.27 -11.02 11.26
N THR A 62 6.39 -10.33 12.39
CA THR A 62 7.25 -10.75 13.49
C THR A 62 6.68 -12.02 14.13
N ALA A 63 5.38 -12.00 14.40
CA ALA A 63 4.70 -13.20 14.90
C ALA A 63 4.82 -14.35 13.90
N ALA A 64 4.60 -14.07 12.62
CA ALA A 64 4.73 -15.11 11.58
C ALA A 64 6.13 -15.71 11.55
N ALA A 65 7.16 -14.89 11.74
CA ALA A 65 8.56 -15.35 11.72
C ALA A 65 8.88 -16.29 12.89
N ALA A 66 8.03 -16.25 13.91
CA ALA A 66 8.20 -17.06 15.13
C ALA A 66 7.21 -18.22 15.13
N ALA A 67 6.54 -18.45 14.00
CA ALA A 67 5.49 -19.47 13.88
C ALA A 67 4.50 -19.35 15.03
N ALA A 68 4.06 -18.12 15.31
CA ALA A 68 3.21 -17.84 16.46
C ALA A 68 1.78 -18.39 16.36
N GLY A 69 1.32 -18.60 15.13
CA GLY A 69 -0.06 -19.01 14.87
C GLY A 69 -1.04 -17.88 15.11
N ASN A 70 -2.22 -18.23 15.62
CA ASN A 70 -3.30 -17.28 15.85
C ASN A 70 -2.95 -16.24 16.90
N LEU A 71 -3.22 -14.97 16.57
CA LEU A 71 -3.04 -13.90 17.54
C LEU A 71 -4.39 -13.54 18.14
N THR A 72 -4.41 -13.23 19.44
CA THR A 72 -5.67 -13.01 20.14
C THR A 72 -5.98 -11.55 20.47
N CYS A 73 -4.93 -10.73 20.61
CA CYS A 73 -5.12 -9.31 20.92
C CYS A 73 -3.94 -8.53 20.40
N ILE A 74 -4.20 -7.27 20.03
CA ILE A 74 -3.16 -6.37 19.53
C ILE A 74 -3.48 -4.95 19.97
N VAL A 75 -2.44 -4.14 20.14
CA VAL A 75 -2.60 -2.71 20.45
C VAL A 75 -1.50 -1.93 19.73
N ALA A 76 -1.80 -0.66 19.45
CA ALA A 76 -0.81 0.29 18.92
C ALA A 76 -0.71 1.51 19.84
N ILE A 77 0.51 2.03 19.99
CA ILE A 77 0.79 3.17 20.87
C ILE A 77 1.62 4.17 20.08
N GLY A 78 1.14 5.41 20.02
CA GLY A 78 1.88 6.46 19.33
C GLY A 78 2.96 7.07 20.18
N ASN A 79 3.95 7.64 19.52
CA ASN A 79 5.07 8.31 20.19
C ASN A 79 4.66 9.61 20.87
N GLU A 80 5.64 10.21 21.54
CA GLU A 80 5.45 11.46 22.27
C GLU A 80 4.20 11.46 23.15
N ASN A 81 3.98 10.33 23.81
CA ASN A 81 2.89 10.22 24.80
C ASN A 81 1.49 10.27 24.21
N ARG A 82 1.36 9.97 22.91
CA ARG A 82 0.05 9.95 22.26
C ARG A 82 -0.84 8.85 22.83
N GLY A 83 -0.24 7.75 23.28
CA GLY A 83 -1.01 6.64 23.86
C GLY A 83 -1.68 5.75 22.82
N ILE A 84 -2.71 5.03 23.26
CA ILE A 84 -3.40 4.07 22.41
C ILE A 84 -3.98 4.75 21.18
N LEU A 85 -3.70 4.14 20.02
CA LEU A 85 -4.29 4.53 18.75
C LEU A 85 -5.04 3.33 18.21
N SER A 86 -6.27 3.53 17.75
CA SER A 86 -7.00 2.42 17.13
C SER A 86 -6.27 1.98 15.86
N PRO A 87 -6.41 0.70 15.47
CA PRO A 87 -5.84 0.34 14.17
C PRO A 87 -6.51 1.14 13.06
N CYS A 88 -5.72 1.54 12.06
CA CYS A 88 -6.29 2.23 10.90
C CYS A 88 -7.08 1.24 10.05
N GLY A 89 -7.84 1.77 9.10
CA GLY A 89 -8.66 0.94 8.24
C GLY A 89 -7.90 -0.16 7.50
N ARG A 90 -6.71 0.14 6.98
N ARG A 90 -6.71 0.15 6.99
CA ARG A 90 -5.96 -0.90 6.27
CA ARG A 90 -5.92 -0.86 6.29
C ARG A 90 -5.59 -2.05 7.21
C ARG A 90 -5.62 -2.03 7.22
N CYS A 91 -5.12 -1.72 8.42
CA CYS A 91 -4.77 -2.75 9.39
C CYS A 91 -5.98 -3.57 9.82
N ARG A 92 -7.13 -2.91 9.97
CA ARG A 92 -8.35 -3.64 10.28
C ARG A 92 -8.61 -4.71 9.24
N GLN A 93 -8.43 -4.36 7.96
CA GLN A 93 -8.69 -5.32 6.88
C GLN A 93 -7.71 -6.50 6.94
N VAL A 94 -6.43 -6.19 7.11
CA VAL A 94 -5.42 -7.25 7.19
C VAL A 94 -5.64 -8.14 8.41
N LEU A 95 -5.95 -7.53 9.56
CA LEU A 95 -6.20 -8.27 10.78
C LEU A 95 -7.42 -9.18 10.62
N LEU A 96 -8.49 -8.65 10.07
CA LEU A 96 -9.71 -9.46 9.88
C LEU A 96 -9.40 -10.65 8.99
N ASP A 97 -8.63 -10.40 7.93
CA ASP A 97 -8.40 -11.43 6.92
C ASP A 97 -7.43 -12.51 7.39
N LEU A 98 -6.43 -12.12 8.20
CA LEU A 98 -5.38 -13.05 8.63
C LEU A 98 -5.55 -13.59 10.05
N HIS A 99 -6.26 -12.85 10.90
CA HIS A 99 -6.51 -13.28 12.27
C HIS A 99 -7.94 -12.92 12.65
N PRO A 100 -8.94 -13.58 12.03
CA PRO A 100 -10.33 -13.20 12.28
C PRO A 100 -10.79 -13.30 13.74
N GLY A 101 -10.07 -14.06 14.57
CA GLY A 101 -10.40 -14.17 16.00
C GLY A 101 -9.76 -13.13 16.90
N ILE A 102 -9.02 -12.19 16.32
CA ILE A 102 -8.27 -11.22 17.10
C ILE A 102 -9.15 -10.08 17.61
N LYS A 103 -8.75 -9.53 18.76
CA LYS A 103 -9.31 -8.29 19.26
C LYS A 103 -8.24 -7.20 19.16
N ALA A 104 -8.69 -5.97 19.00
CA ALA A 104 -7.78 -4.83 19.07
C ALA A 104 -8.18 -3.95 20.26
N ILE A 105 -7.17 -3.44 20.96
CA ILE A 105 -7.41 -2.52 22.07
C ILE A 105 -7.61 -1.10 21.53
N VAL A 106 -8.74 -0.52 21.86
CA VAL A 106 -9.06 0.86 21.49
C VAL A 106 -9.52 1.59 22.73
N LYS A 107 -9.64 2.91 22.64
CA LYS A 107 -10.24 3.65 23.74
C LYS A 107 -11.74 3.66 23.59
N ASP A 108 -12.45 3.33 24.67
CA ASP A 108 -13.90 3.36 24.67
C ASP A 108 -14.43 4.81 24.71
N SER A 109 -15.74 4.95 24.77
CA SER A 109 -16.39 6.27 24.73
C SER A 109 -16.07 7.14 25.96
N ASP A 110 -15.53 6.51 27.01
CA ASP A 110 -15.07 7.20 28.22
C ASP A 110 -13.54 7.32 28.30
N GLY A 111 -12.86 6.94 27.21
CA GLY A 111 -11.41 7.05 27.15
C GLY A 111 -10.67 5.92 27.83
N GLN A 112 -11.39 4.86 28.17
CA GLN A 112 -10.79 3.70 28.85
C GLN A 112 -10.46 2.60 27.85
N PRO A 113 -9.30 1.94 28.02
CA PRO A 113 -8.93 0.89 27.08
C PRO A 113 -9.90 -0.29 27.10
N THR A 114 -10.25 -0.80 25.93
CA THR A 114 -11.16 -1.92 25.80
C THR A 114 -10.75 -2.78 24.61
N ALA A 115 -10.81 -4.10 24.77
CA ALA A 115 -10.49 -5.01 23.68
C ALA A 115 -11.74 -5.34 22.88
N VAL A 116 -11.72 -5.01 21.60
CA VAL A 116 -12.87 -5.15 20.71
C VAL A 116 -12.58 -6.15 19.58
N GLY A 117 -13.49 -7.08 19.34
CA GLY A 117 -13.35 -8.01 18.22
C GLY A 117 -13.18 -7.27 16.91
N ILE A 118 -12.26 -7.75 16.08
CA ILE A 118 -11.90 -7.04 14.85
C ILE A 118 -13.10 -6.80 13.92
N ARG A 119 -14.04 -7.74 13.87
CA ARG A 119 -15.22 -7.58 13.01
C ARG A 119 -16.04 -6.36 13.39
N GLU A 120 -16.11 -6.07 14.68
CA GLU A 120 -16.85 -4.90 15.17
C GLU A 120 -16.21 -3.60 14.73
N LEU A 121 -14.92 -3.64 14.38
CA LEU A 121 -14.21 -2.46 13.89
C LEU A 121 -14.34 -2.25 12.38
N LEU A 122 -14.92 -3.23 11.71
CA LEU A 122 -15.31 -3.10 10.28
C LEU A 122 -16.77 -3.52 10.11
N PRO A 123 -17.70 -2.70 10.62
CA PRO A 123 -19.11 -3.06 10.59
C PRO A 123 -19.69 -2.88 9.20
N SER A 124 -20.89 -3.42 8.99
CA SER A 124 -21.57 -3.33 7.71
C SER A 124 -22.14 -1.93 7.48
N PRO B 2 -35.73 4.41 -0.22
CA PRO B 2 -34.36 3.92 -0.35
C PRO B 2 -33.38 5.00 -0.84
N LEU B 3 -32.56 4.65 -1.83
CA LEU B 3 -31.48 5.50 -2.35
C LEU B 3 -32.03 6.68 -3.14
N SER B 4 -31.34 7.82 -3.09
CA SER B 4 -31.69 8.98 -3.92
C SER B 4 -31.46 8.67 -5.40
N GLN B 5 -32.15 9.39 -6.27
CA GLN B 5 -32.01 9.19 -7.72
C GLN B 5 -30.55 9.30 -8.15
N GLU B 6 -29.85 10.28 -7.58
CA GLU B 6 -28.46 10.52 -7.94
C GLU B 6 -27.53 9.41 -7.47
N GLU B 7 -27.80 8.90 -6.27
CA GLU B 7 -27.05 7.78 -5.73
C GLU B 7 -27.26 6.53 -6.59
N SER B 8 -28.49 6.33 -7.03
CA SER B 8 -28.81 5.20 -7.91
C SER B 8 -28.00 5.22 -9.20
N THR B 9 -27.77 6.42 -9.76
CA THR B 9 -27.00 6.53 -11.00
C THR B 9 -25.57 6.03 -10.82
N LEU B 10 -25.02 6.17 -9.61
CA LEU B 10 -23.69 5.63 -9.34
C LEU B 10 -23.64 4.12 -9.52
N ILE B 11 -24.64 3.43 -9.00
CA ILE B 11 -24.74 1.99 -9.19
C ILE B 11 -24.83 1.67 -10.69
N GLU B 12 -25.67 2.40 -11.42
CA GLU B 12 -25.82 2.18 -12.86
C GLU B 12 -24.51 2.33 -13.59
N ARG B 13 -23.79 3.40 -13.28
N ARG B 13 -23.79 3.41 -13.28
CA ARG B 13 -22.55 3.72 -13.98
CA ARG B 13 -22.56 3.72 -13.96
C ARG B 13 -21.42 2.73 -13.68
C ARG B 13 -21.47 2.68 -13.69
N ALA B 14 -21.27 2.33 -12.42
CA ALA B 14 -20.25 1.35 -12.04
C ALA B 14 -20.58 -0.03 -12.61
N THR B 15 -21.88 -0.36 -12.63
CA THR B 15 -22.31 -1.64 -13.21
C THR B 15 -22.01 -1.66 -14.71
N ALA B 16 -22.32 -0.57 -15.41
CA ALA B 16 -21.99 -0.47 -16.83
C ALA B 16 -20.50 -0.63 -17.05
N THR B 17 -19.70 0.03 -16.21
CA THR B 17 -18.26 0.01 -16.39
C THR B 17 -17.70 -1.41 -16.27
N ILE B 18 -18.05 -2.12 -15.21
CA ILE B 18 -17.49 -3.46 -15.03
C ILE B 18 -18.01 -4.43 -16.10
N ASN B 19 -19.19 -4.16 -16.64
CA ASN B 19 -19.73 -5.01 -17.71
C ASN B 19 -19.28 -4.59 -19.10
N SER B 20 -18.36 -3.63 -19.15
CA SER B 20 -17.81 -3.11 -20.42
C SER B 20 -16.32 -3.39 -20.56
N ILE B 21 -15.79 -4.27 -19.71
CA ILE B 21 -14.40 -4.64 -19.78
C ILE B 21 -14.27 -6.17 -19.76
N PRO B 22 -13.18 -6.70 -20.36
CA PRO B 22 -12.98 -8.15 -20.31
C PRO B 22 -12.93 -8.68 -18.88
N ILE B 23 -13.44 -9.89 -18.67
CA ILE B 23 -13.34 -10.54 -17.38
C ILE B 23 -11.86 -10.78 -17.06
N SER B 24 -11.43 -10.28 -15.91
CA SER B 24 -10.01 -10.24 -15.55
C SER B 24 -9.81 -10.45 -14.06
N GLU B 25 -8.70 -11.10 -13.70
CA GLU B 25 -8.31 -11.26 -12.31
C GLU B 25 -7.61 -10.02 -11.77
N ASP B 26 -7.13 -9.16 -12.67
CA ASP B 26 -6.42 -7.92 -12.29
C ASP B 26 -7.37 -6.74 -12.18
N TYR B 27 -8.39 -6.73 -13.03
CA TYR B 27 -9.34 -5.64 -13.16
C TYR B 27 -10.72 -6.22 -12.95
N SER B 28 -11.18 -6.21 -11.70
CA SER B 28 -12.34 -7.03 -11.33
C SER B 28 -13.46 -6.30 -10.61
N VAL B 29 -13.24 -5.02 -10.30
CA VAL B 29 -14.22 -4.20 -9.60
C VAL B 29 -14.22 -2.81 -10.23
N ALA B 30 -15.42 -2.27 -10.46
CA ALA B 30 -15.57 -0.86 -10.87
C ALA B 30 -16.17 -0.04 -9.74
N SER B 31 -15.88 1.27 -9.75
CA SER B 31 -16.45 2.15 -8.75
C SER B 31 -16.89 3.44 -9.43
N ALA B 32 -17.85 4.13 -8.81
CA ALA B 32 -18.26 5.45 -9.28
C ALA B 32 -18.57 6.33 -8.09
N ALA B 33 -18.18 7.60 -8.18
CA ALA B 33 -18.50 8.59 -7.15
C ALA B 33 -19.10 9.86 -7.71
N LEU B 34 -19.85 10.52 -6.85
N LEU B 34 -19.90 10.51 -6.87
CA LEU B 34 -20.54 11.77 -7.16
CA LEU B 34 -20.52 11.81 -7.16
C LEU B 34 -19.86 12.95 -6.49
C LEU B 34 -19.74 12.96 -6.51
N SER B 35 -19.59 13.99 -7.26
N SER B 35 -19.54 14.03 -7.27
CA SER B 35 -19.08 15.24 -6.70
CA SER B 35 -19.02 15.27 -6.69
C SER B 35 -20.24 16.12 -6.22
C SER B 35 -20.17 16.22 -6.39
N SER B 36 -19.92 17.20 -5.52
CA SER B 36 -20.93 18.16 -5.08
C SER B 36 -21.65 18.85 -6.23
N ASP B 37 -20.93 19.05 -7.34
CA ASP B 37 -21.47 19.65 -8.57
C ASP B 37 -22.28 18.68 -9.43
N GLY B 38 -22.38 17.41 -9.00
CA GLY B 38 -23.19 16.42 -9.70
C GLY B 38 -22.46 15.60 -10.75
N ARG B 39 -21.17 15.89 -10.97
CA ARG B 39 -20.37 15.06 -11.89
C ARG B 39 -20.10 13.67 -11.30
N ILE B 40 -19.96 12.71 -12.20
CA ILE B 40 -19.68 11.32 -11.80
C ILE B 40 -18.29 10.95 -12.32
N PHE B 41 -17.53 10.26 -11.48
CA PHE B 41 -16.20 9.79 -11.84
C PHE B 41 -16.11 8.30 -11.58
N THR B 42 -15.50 7.58 -12.52
CA THR B 42 -15.42 6.13 -12.43
C THR B 42 -13.97 5.66 -12.30
N GLY B 43 -13.80 4.36 -12.08
CA GLY B 43 -12.49 3.75 -11.95
C GLY B 43 -12.66 2.25 -11.86
N VAL B 44 -11.59 1.52 -12.17
CA VAL B 44 -11.53 0.09 -11.97
C VAL B 44 -10.27 -0.20 -11.15
N ASN B 45 -10.31 -1.26 -10.36
CA ASN B 45 -9.15 -1.60 -9.53
C ASN B 45 -7.96 -2.06 -10.35
N VAL B 46 -6.79 -2.06 -9.72
CA VAL B 46 -5.56 -2.55 -10.33
C VAL B 46 -4.93 -3.48 -9.29
N TYR B 47 -5.18 -4.78 -9.41
CA TYR B 47 -4.66 -5.71 -8.40
C TYR B 47 -3.14 -5.77 -8.44
N HIS B 48 -2.50 -5.63 -7.28
CA HIS B 48 -1.08 -5.93 -7.19
C HIS B 48 -0.71 -6.18 -5.74
N PHE B 49 0.21 -7.12 -5.52
CA PHE B 49 0.57 -7.51 -4.15
C PHE B 49 1.17 -6.36 -3.34
N THR B 50 1.72 -5.37 -4.03
CA THR B 50 2.30 -4.19 -3.34
C THR B 50 1.22 -3.20 -2.92
N GLY B 51 -0.04 -3.54 -3.15
CA GLY B 51 -1.15 -2.66 -2.82
C GLY B 51 -1.68 -1.86 -4.00
N GLY B 52 -1.80 -2.49 -5.17
CA GLY B 52 -2.48 -1.87 -6.29
C GLY B 52 -3.83 -1.31 -5.82
N PRO B 53 -4.22 -0.14 -6.35
CA PRO B 53 -5.39 0.51 -5.79
C PRO B 53 -6.69 -0.24 -6.03
N CYS B 54 -7.55 -0.25 -5.01
CA CYS B 54 -8.95 -0.62 -5.24
C CYS B 54 -9.61 0.38 -6.18
N ALA B 55 -10.74 -0.03 -6.76
CA ALA B 55 -11.48 0.83 -7.67
C ALA B 55 -11.81 2.20 -7.05
N GLU B 56 -12.17 2.22 -5.78
CA GLU B 56 -12.47 3.47 -5.09
C GLU B 56 -11.32 4.46 -5.13
N LEU B 57 -10.09 3.95 -5.00
CA LEU B 57 -8.93 4.84 -4.97
C LEU B 57 -8.64 5.39 -6.36
N VAL B 58 -8.89 4.57 -7.37
CA VAL B 58 -8.77 5.05 -8.75
C VAL B 58 -9.81 6.13 -9.04
N VAL B 59 -11.03 5.95 -8.54
CA VAL B 59 -12.05 7.00 -8.59
C VAL B 59 -11.55 8.31 -7.95
N LEU B 60 -10.93 8.20 -6.78
N LEU B 60 -10.92 8.21 -6.78
CA LEU B 60 -10.43 9.39 -6.09
CA LEU B 60 -10.45 9.42 -6.12
C LEU B 60 -9.42 10.17 -6.93
C LEU B 60 -9.41 10.18 -6.92
N GLY B 61 -8.53 9.46 -7.62
CA GLY B 61 -7.50 10.08 -8.44
C GLY B 61 -8.09 10.64 -9.72
N THR B 62 -9.17 10.02 -10.18
CA THR B 62 -9.86 10.46 -11.38
C THR B 62 -10.63 11.74 -11.11
N ALA B 63 -11.33 11.78 -9.98
CA ALA B 63 -11.99 13.00 -9.52
C ALA B 63 -10.96 14.12 -9.31
N ALA B 64 -9.83 13.77 -8.69
CA ALA B 64 -8.79 14.77 -8.41
C ALA B 64 -8.24 15.36 -9.73
N ALA B 65 -8.10 14.52 -10.75
CA ALA B 65 -7.61 14.99 -12.05
C ALA B 65 -8.56 15.98 -12.72
N ALA B 66 -9.83 15.94 -12.32
CA ALA B 66 -10.83 16.83 -12.89
C ALA B 66 -11.14 17.99 -11.96
N ALA B 67 -10.32 18.19 -10.93
CA ALA B 67 -10.54 19.22 -9.92
C ALA B 67 -11.96 19.14 -9.36
N ALA B 68 -12.41 17.92 -9.09
CA ALA B 68 -13.79 17.67 -8.65
C ALA B 68 -14.15 18.27 -7.28
N GLY B 69 -13.17 18.43 -6.40
CA GLY B 69 -13.44 18.81 -5.03
C GLY B 69 -14.03 17.68 -4.22
N ASN B 70 -14.90 18.02 -3.29
CA ASN B 70 -15.44 17.05 -2.35
C ASN B 70 -16.40 16.08 -3.02
N LEU B 71 -16.25 14.81 -2.68
CA LEU B 71 -17.14 13.77 -3.16
C LEU B 71 -18.17 13.46 -2.09
N THR B 72 -19.41 13.23 -2.52
CA THR B 72 -20.51 13.05 -1.57
C THR B 72 -20.99 11.59 -1.41
N CYS B 73 -20.75 10.78 -2.44
CA CYS B 73 -21.17 9.37 -2.38
C CYS B 73 -20.31 8.54 -3.34
N ILE B 74 -20.11 7.28 -2.96
CA ILE B 74 -19.33 6.34 -3.77
C ILE B 74 -19.93 4.94 -3.65
N VAL B 75 -19.71 4.14 -4.69
CA VAL B 75 -20.13 2.73 -4.69
C VAL B 75 -19.08 1.92 -5.45
N ALA B 76 -18.94 0.66 -5.07
CA ALA B 76 -18.13 -0.31 -5.80
C ALA B 76 -19.01 -1.49 -6.25
N ILE B 77 -18.83 -1.92 -7.50
CA ILE B 77 -19.61 -3.02 -8.07
C ILE B 77 -18.64 -4.08 -8.59
N GLY B 78 -18.81 -5.32 -8.12
CA GLY B 78 -17.92 -6.40 -8.49
C GLY B 78 -18.29 -7.05 -9.80
N ASN B 79 -17.30 -7.64 -10.46
CA ASN B 79 -17.55 -8.47 -11.63
C ASN B 79 -18.20 -9.79 -11.22
N GLU B 80 -18.34 -10.69 -12.19
CA GLU B 80 -19.07 -11.95 -11.99
C GLU B 80 -20.46 -11.69 -11.40
N ASN B 81 -21.07 -10.57 -11.78
CA ASN B 81 -22.40 -10.21 -11.31
C ASN B 81 -22.55 -10.23 -9.78
N ARG B 82 -21.49 -9.86 -9.08
CA ARG B 82 -21.51 -9.87 -7.61
C ARG B 82 -22.33 -8.74 -6.98
N GLY B 83 -22.59 -7.69 -7.74
CA GLY B 83 -23.30 -6.53 -7.19
C GLY B 83 -22.41 -5.66 -6.31
N ILE B 84 -23.04 -5.08 -5.28
CA ILE B 84 -22.41 -4.04 -4.46
C ILE B 84 -21.41 -4.65 -3.50
N LEU B 85 -20.20 -4.09 -3.49
CA LEU B 85 -19.17 -4.50 -2.54
C LEU B 85 -18.88 -3.38 -1.57
N SER B 86 -18.94 -3.68 -0.27
N SER B 86 -18.95 -3.66 -0.27
CA SER B 86 -18.60 -2.69 0.74
CA SER B 86 -18.62 -2.64 0.73
C SER B 86 -17.11 -2.35 0.62
C SER B 86 -17.13 -2.35 0.66
N PRO B 87 -16.76 -1.05 0.78
CA PRO B 87 -15.34 -0.68 0.68
C PRO B 87 -14.53 -1.43 1.72
N CYS B 88 -13.35 -1.88 1.33
CA CYS B 88 -12.47 -2.58 2.25
C CYS B 88 -11.94 -1.60 3.31
N GLY B 89 -11.28 -2.14 4.32
CA GLY B 89 -10.72 -1.30 5.38
C GLY B 89 -9.76 -0.21 4.90
N ARG B 90 -8.89 -0.54 3.95
N ARG B 90 -8.87 -0.51 3.95
CA ARG B 90 -7.97 0.46 3.41
CA ARG B 90 -7.98 0.53 3.46
C ARG B 90 -8.74 1.61 2.77
C ARG B 90 -8.78 1.65 2.79
N CYS B 91 -9.73 1.27 1.94
CA CYS B 91 -10.54 2.27 1.26
C CYS B 91 -11.35 3.11 2.24
N ARG B 92 -11.90 2.47 3.26
CA ARG B 92 -12.61 3.22 4.30
C ARG B 92 -11.73 4.32 4.91
N GLN B 93 -10.48 4.00 5.22
CA GLN B 93 -9.57 4.99 5.79
C GLN B 93 -9.23 6.12 4.83
N VAL B 94 -8.91 5.78 3.57
CA VAL B 94 -8.56 6.80 2.60
C VAL B 94 -9.77 7.70 2.33
N LEU B 95 -10.94 7.09 2.17
CA LEU B 95 -12.16 7.87 1.98
C LEU B 95 -12.46 8.81 3.15
N LEU B 96 -12.39 8.28 4.37
CA LEU B 96 -12.62 9.10 5.55
C LEU B 96 -11.62 10.26 5.62
N ASP B 97 -10.36 9.97 5.31
CA ASP B 97 -9.31 10.98 5.45
C ASP B 97 -9.36 12.06 4.39
N LEU B 98 -9.73 11.70 3.16
CA LEU B 98 -9.72 12.65 2.06
C LEU B 98 -11.10 13.26 1.73
N HIS B 99 -12.16 12.54 2.08
CA HIS B 99 -13.54 13.02 1.87
C HIS B 99 -14.39 12.67 3.08
N PRO B 100 -14.08 13.28 4.25
CA PRO B 100 -14.76 12.85 5.48
C PRO B 100 -16.29 12.93 5.49
N GLY B 101 -16.85 13.77 4.62
CA GLY B 101 -18.31 13.84 4.49
C GLY B 101 -18.97 12.81 3.58
N ILE B 102 -18.16 11.98 2.93
CA ILE B 102 -18.67 11.05 1.91
C ILE B 102 -19.54 9.94 2.50
N LYS B 103 -20.48 9.45 1.69
CA LYS B 103 -21.22 8.24 2.01
C LYS B 103 -20.77 7.10 1.10
N ALA B 104 -20.87 5.87 1.58
CA ALA B 104 -20.64 4.69 0.75
C ALA B 104 -21.95 3.94 0.60
N ILE B 105 -22.22 3.47 -0.61
CA ILE B 105 -23.38 2.62 -0.84
C ILE B 105 -22.99 1.17 -0.51
N VAL B 106 -23.75 0.57 0.41
CA VAL B 106 -23.53 -0.81 0.83
C VAL B 106 -24.86 -1.55 0.77
N LYS B 107 -24.84 -2.86 1.00
CA LYS B 107 -26.07 -3.65 1.10
C LYS B 107 -26.54 -3.68 2.55
N ASP B 108 -27.85 -3.45 2.75
CA ASP B 108 -28.45 -3.61 4.07
C ASP B 108 -28.70 -5.10 4.39
N SER B 109 -29.34 -5.36 5.53
CA SER B 109 -29.62 -6.72 5.98
C SER B 109 -30.39 -7.56 4.97
N ASP B 110 -31.25 -6.89 4.19
CA ASP B 110 -32.07 -7.55 3.18
C ASP B 110 -31.43 -7.51 1.79
N GLY B 111 -30.15 -7.15 1.73
CA GLY B 111 -29.40 -7.15 0.47
C GLY B 111 -29.72 -5.99 -0.45
N GLN B 112 -30.38 -4.97 0.09
CA GLN B 112 -30.78 -3.82 -0.71
C GLN B 112 -29.84 -2.64 -0.53
N PRO B 113 -29.63 -1.84 -1.59
CA PRO B 113 -28.66 -0.73 -1.52
C PRO B 113 -29.06 0.32 -0.48
N THR B 114 -28.07 0.79 0.27
CA THR B 114 -28.27 1.84 1.25
C THR B 114 -27.01 2.71 1.35
N ALA B 115 -27.19 4.02 1.49
CA ALA B 115 -26.05 4.92 1.62
C ALA B 115 -25.76 5.21 3.09
N VAL B 116 -24.54 4.89 3.52
CA VAL B 116 -24.11 5.08 4.90
C VAL B 116 -22.91 6.04 5.00
N GLY B 117 -22.89 6.84 6.05
CA GLY B 117 -21.77 7.76 6.28
C GLY B 117 -20.48 6.99 6.51
N ILE B 118 -19.40 7.52 5.91
CA ILE B 118 -18.11 6.85 6.00
C ILE B 118 -17.65 6.62 7.43
N ARG B 119 -17.94 7.58 8.31
CA ARG B 119 -17.57 7.44 9.73
C ARG B 119 -18.19 6.23 10.38
N GLU B 120 -19.38 5.85 9.95
CA GLU B 120 -20.07 4.68 10.50
C GLU B 120 -19.35 3.39 10.15
N LEU B 121 -18.55 3.44 9.08
CA LEU B 121 -17.82 2.25 8.65
C LEU B 121 -16.46 2.08 9.34
N LEU B 122 -16.07 3.08 10.15
CA LEU B 122 -14.84 3.01 10.95
C LEU B 122 -15.07 3.49 12.39
N PRO B 123 -15.78 2.67 13.19
CA PRO B 123 -16.01 3.05 14.58
C PRO B 123 -14.70 3.07 15.36
N SER B 124 -14.68 3.81 16.47
CA SER B 124 -13.45 3.95 17.29
C SER B 124 -12.29 4.31 16.37
N GLY B 125 -12.50 5.34 15.54
CA GLY B 125 -11.57 5.61 14.44
C GLY B 125 -10.14 5.88 14.85
N TYR B 126 -9.21 5.45 13.98
CA TYR B 126 -7.82 5.89 14.07
C TYR B 126 -7.76 7.38 13.73
N VAL B 127 -7.37 8.20 14.71
CA VAL B 127 -7.13 9.64 14.49
C VAL B 127 -5.97 10.10 15.37
N TRP B 128 -4.91 10.60 14.75
CA TRP B 128 -3.81 11.12 15.55
C TRP B 128 -4.17 12.44 16.20
N PRO C 2 16.44 12.37 -28.93
CA PRO C 2 15.18 12.39 -29.69
C PRO C 2 13.96 12.20 -28.78
N LEU C 3 12.78 12.08 -29.40
CA LEU C 3 11.52 11.90 -28.68
C LEU C 3 10.37 11.96 -29.69
N SER C 4 9.60 10.87 -29.77
CA SER C 4 8.53 10.78 -30.76
C SER C 4 7.39 11.77 -30.48
N GLN C 5 6.56 12.02 -31.50
CA GLN C 5 5.40 12.92 -31.37
C GLN C 5 4.48 12.50 -30.23
N GLU C 6 4.22 11.19 -30.12
CA GLU C 6 3.29 10.71 -29.10
C GLU C 6 3.86 10.88 -27.68
N GLU C 7 5.17 10.74 -27.55
CA GLU C 7 5.85 10.93 -26.27
C GLU C 7 5.79 12.39 -25.79
N SER C 8 6.08 13.33 -26.70
CA SER C 8 5.92 14.75 -26.40
C SER C 8 4.46 15.10 -26.06
N THR C 9 3.51 14.47 -26.76
CA THR C 9 2.08 14.69 -26.50
C THR C 9 1.69 14.22 -25.09
N LEU C 10 2.21 13.07 -24.66
CA LEU C 10 1.94 12.59 -23.30
C LEU C 10 2.44 13.57 -22.26
N ILE C 11 3.63 14.11 -22.45
CA ILE C 11 4.15 15.13 -21.54
C ILE C 11 3.21 16.34 -21.49
N GLU C 12 2.74 16.78 -22.64
CA GLU C 12 1.85 17.94 -22.70
C GLU C 12 0.55 17.67 -21.97
N ARG C 13 -0.03 16.48 -22.19
N ARG C 13 -0.02 16.49 -22.18
CA ARG C 13 -1.29 16.09 -21.56
CA ARG C 13 -1.29 16.12 -21.55
C ARG C 13 -1.18 15.98 -20.04
C ARG C 13 -1.19 15.97 -20.03
N ALA C 14 -0.11 15.35 -19.56
CA ALA C 14 0.11 15.20 -18.11
C ALA C 14 0.37 16.55 -17.47
N THR C 15 1.12 17.40 -18.17
CA THR C 15 1.43 18.73 -17.67
C THR C 15 0.16 19.58 -17.56
N ALA C 16 -0.64 19.57 -18.61
CA ALA C 16 -1.89 20.31 -18.61
C ALA C 16 -2.81 19.83 -17.48
N THR C 17 -2.82 18.51 -17.23
CA THR C 17 -3.66 17.93 -16.19
C THR C 17 -3.27 18.46 -14.81
N ILE C 18 -2.00 18.31 -14.44
CA ILE C 18 -1.59 18.76 -13.10
C ILE C 18 -1.68 20.28 -12.95
N ASN C 19 -1.40 21.02 -14.01
CA ASN C 19 -1.44 22.48 -13.93
C ASN C 19 -2.87 23.02 -13.86
N SER C 20 -3.85 22.16 -14.13
CA SER C 20 -5.25 22.56 -14.18
C SER C 20 -6.00 22.42 -12.86
N ILE C 21 -5.36 21.81 -11.86
CA ILE C 21 -6.01 21.56 -10.57
C ILE C 21 -5.39 22.43 -9.46
N PRO C 22 -6.16 22.69 -8.38
CA PRO C 22 -5.58 23.48 -7.28
C PRO C 22 -4.32 22.85 -6.72
N ILE C 23 -3.34 23.68 -6.35
CA ILE C 23 -2.14 23.17 -5.70
C ILE C 23 -2.53 22.45 -4.42
N SER C 24 -2.08 21.20 -4.28
CA SER C 24 -2.51 20.32 -3.19
C SER C 24 -1.36 19.45 -2.72
N GLU C 25 -1.31 19.17 -1.42
CA GLU C 25 -0.36 18.21 -0.88
C GLU C 25 -0.82 16.77 -1.12
N ASP C 26 -2.11 16.60 -1.41
CA ASP C 26 -2.68 15.26 -1.61
C ASP C 26 -2.69 14.85 -3.07
N TYR C 27 -2.85 15.84 -3.94
CA TYR C 27 -3.00 15.62 -5.38
C TYR C 27 -1.95 16.49 -6.06
N SER C 28 -0.77 15.90 -6.26
CA SER C 28 0.43 16.69 -6.58
C SER C 28 1.19 16.26 -7.83
N VAL C 29 0.76 15.15 -8.44
CA VAL C 29 1.41 14.60 -9.63
C VAL C 29 0.31 14.13 -10.58
N ALA C 30 0.48 14.42 -11.87
CA ALA C 30 -0.35 13.81 -12.93
C ALA C 30 0.46 12.89 -13.82
N SER C 31 -0.24 11.94 -14.42
CA SER C 31 0.36 10.99 -15.36
C SER C 31 -0.55 10.85 -16.58
N ALA C 32 0.06 10.54 -17.72
CA ALA C 32 -0.68 10.21 -18.94
C ALA C 32 -0.03 9.00 -19.58
N ALA C 33 -0.86 8.11 -20.14
CA ALA C 33 -0.36 6.94 -20.86
C ALA C 33 -1.12 6.76 -22.16
N LEU C 34 -0.40 6.26 -23.15
CA LEU C 34 -0.95 5.94 -24.48
C LEU C 34 -1.26 4.46 -24.61
N SER C 35 -2.44 4.14 -25.15
CA SER C 35 -2.83 2.76 -25.40
C SER C 35 -2.59 2.37 -26.85
N SER C 36 -2.38 1.08 -27.07
CA SER C 36 -2.18 0.56 -28.42
C SER C 36 -3.42 0.73 -29.29
N ASP C 37 -4.59 0.89 -28.67
CA ASP C 37 -5.84 1.06 -29.42
C ASP C 37 -6.20 2.53 -29.67
N GLY C 38 -5.27 3.43 -29.41
CA GLY C 38 -5.40 4.82 -29.84
C GLY C 38 -6.13 5.79 -28.93
N ARG C 39 -5.82 5.70 -27.64
CA ARG C 39 -6.44 6.54 -26.64
C ARG C 39 -5.36 6.96 -25.65
N ILE C 40 -5.65 8.01 -24.88
CA ILE C 40 -4.71 8.49 -23.88
C ILE C 40 -5.50 8.63 -22.58
N PHE C 41 -4.92 8.10 -21.51
CA PHE C 41 -5.57 8.10 -20.20
C PHE C 41 -4.74 8.88 -19.22
N THR C 42 -5.43 9.65 -18.39
CA THR C 42 -4.74 10.49 -17.40
C THR C 42 -5.14 10.10 -15.98
N GLY C 43 -4.45 10.69 -15.02
CA GLY C 43 -4.76 10.44 -13.61
C GLY C 43 -3.89 11.35 -12.77
N VAL C 44 -4.30 11.56 -11.52
CA VAL C 44 -3.53 12.29 -10.52
C VAL C 44 -3.38 11.35 -9.31
N ASN C 45 -2.30 11.51 -8.57
CA ASN C 45 -2.06 10.66 -7.39
C ASN C 45 -3.07 10.95 -6.29
N VAL C 46 -3.14 10.02 -5.34
CA VAL C 46 -3.96 10.17 -4.17
C VAL C 46 -3.07 9.85 -3.00
N TYR C 47 -2.51 10.87 -2.34
CA TYR C 47 -1.57 10.59 -1.26
C TYR C 47 -2.25 9.99 -0.05
N HIS C 48 -1.70 8.88 0.46
CA HIS C 48 -2.15 8.37 1.76
C HIS C 48 -1.09 7.45 2.33
N PHE C 49 -0.91 7.51 3.65
CA PHE C 49 0.15 6.74 4.30
C PHE C 49 0.00 5.23 4.12
N THR C 50 -1.22 4.76 3.88
CA THR C 50 -1.43 3.32 3.64
C THR C 50 -1.06 2.91 2.21
N GLY C 51 -0.56 3.86 1.42
CA GLY C 51 -0.19 3.60 0.04
C GLY C 51 -1.24 4.02 -0.95
N GLY C 52 -1.77 5.23 -0.77
CA GLY C 52 -2.65 5.80 -1.79
C GLY C 52 -1.93 5.78 -3.13
N PRO C 53 -2.66 5.54 -4.23
CA PRO C 53 -1.98 5.28 -5.49
C PRO C 53 -1.24 6.47 -6.05
N CYS C 54 -0.07 6.22 -6.62
CA CYS C 54 0.59 7.19 -7.45
C CYS C 54 -0.24 7.49 -8.68
N ALA C 55 0.07 8.60 -9.34
CA ALA C 55 -0.63 8.98 -10.57
C ALA C 55 -0.62 7.86 -11.61
N GLU C 56 0.52 7.17 -11.73
CA GLU C 56 0.63 6.09 -12.72
C GLU C 56 -0.39 4.97 -12.45
N LEU C 57 -0.63 4.68 -11.17
CA LEU C 57 -1.55 3.58 -10.85
C LEU C 57 -2.99 4.02 -11.10
N VAL C 58 -3.28 5.30 -10.86
CA VAL C 58 -4.58 5.85 -11.24
C VAL C 58 -4.78 5.75 -12.75
N VAL C 59 -3.75 6.10 -13.52
CA VAL C 59 -3.79 5.92 -14.98
C VAL C 59 -4.09 4.47 -15.36
N LEU C 60 -3.42 3.51 -14.73
CA LEU C 60 -3.64 2.10 -15.05
C LEU C 60 -5.07 1.70 -14.81
N GLY C 61 -5.69 2.20 -13.73
CA GLY C 61 -7.07 1.86 -13.41
C GLY C 61 -8.07 2.54 -14.34
N THR C 62 -7.69 3.72 -14.81
CA THR C 62 -8.49 4.51 -15.76
C THR C 62 -8.48 3.86 -17.14
N ALA C 63 -7.31 3.42 -17.58
CA ALA C 63 -7.18 2.64 -18.81
C ALA C 63 -7.99 1.34 -18.68
N ALA C 64 -7.87 0.66 -17.54
CA ALA C 64 -8.59 -0.58 -17.35
C ALA C 64 -10.11 -0.36 -17.39
N ALA C 65 -10.58 0.74 -16.82
CA ALA C 65 -12.02 1.08 -16.85
C ALA C 65 -12.55 1.27 -18.26
N ALA C 66 -11.64 1.63 -19.18
CA ALA C 66 -11.98 1.88 -20.59
C ALA C 66 -11.66 0.68 -21.49
N ALA C 67 -11.28 -0.44 -20.89
CA ALA C 67 -10.90 -1.65 -21.64
C ALA C 67 -9.76 -1.37 -22.63
N ALA C 68 -8.80 -0.57 -22.18
CA ALA C 68 -7.68 -0.11 -23.03
C ALA C 68 -6.63 -1.14 -23.43
N GLY C 69 -6.54 -2.25 -22.70
CA GLY C 69 -5.63 -3.37 -22.99
C GLY C 69 -4.12 -3.29 -22.80
N ASN C 70 -3.45 -2.62 -23.72
CA ASN C 70 -2.00 -2.50 -23.66
C ASN C 70 -1.61 -1.05 -23.67
N LEU C 71 -0.92 -0.63 -22.63
CA LEU C 71 -0.35 0.70 -22.57
C LEU C 71 1.07 0.62 -23.07
N THR C 72 1.44 1.56 -23.94
CA THR C 72 2.73 1.49 -24.62
C THR C 72 3.73 2.53 -24.13
N CYS C 73 3.25 3.62 -23.54
CA CYS C 73 4.14 4.64 -23.00
C CYS C 73 3.43 5.40 -21.89
N ILE C 74 4.19 5.80 -20.87
CA ILE C 74 3.63 6.52 -19.71
C ILE C 74 4.62 7.58 -19.26
N VAL C 75 4.09 8.65 -18.68
CA VAL C 75 4.91 9.69 -18.07
C VAL C 75 4.20 10.27 -16.87
N ALA C 76 4.97 10.80 -15.92
CA ALA C 76 4.43 11.53 -14.78
C ALA C 76 5.06 12.92 -14.69
N ILE C 77 4.23 13.91 -14.36
CA ILE C 77 4.66 15.31 -14.26
C ILE C 77 4.25 15.84 -12.89
N GLY C 78 5.21 16.40 -12.18
CA GLY C 78 4.96 16.99 -10.86
C GLY C 78 4.34 18.36 -10.95
N ASN C 79 3.59 18.73 -9.92
CA ASN C 79 2.98 20.05 -9.82
C ASN C 79 4.03 21.14 -9.63
N GLU C 80 3.58 22.39 -9.62
CA GLU C 80 4.47 23.54 -9.45
C GLU C 80 5.69 23.50 -10.39
N ASN C 81 5.43 23.14 -11.65
CA ASN C 81 6.42 23.20 -12.72
C ASN C 81 7.65 22.30 -12.53
N ARG C 82 7.48 21.20 -11.80
CA ARG C 82 8.60 20.31 -11.51
C ARG C 82 9.04 19.42 -12.68
N GLY C 83 8.17 19.28 -13.68
CA GLY C 83 8.50 18.48 -14.86
C GLY C 83 8.43 16.98 -14.62
N ILE C 84 9.19 16.25 -15.43
CA ILE C 84 9.14 14.80 -15.46
C ILE C 84 9.65 14.20 -14.17
N LEU C 85 8.85 13.32 -13.58
CA LEU C 85 9.25 12.53 -12.43
C LEU C 85 9.32 11.07 -12.86
N SER C 86 10.43 10.41 -12.55
N SER C 86 10.42 10.41 -12.56
CA SER C 86 10.54 8.98 -12.81
CA SER C 86 10.57 8.99 -12.88
C SER C 86 9.52 8.24 -11.97
C SER C 86 9.65 8.17 -11.96
N PRO C 87 8.98 7.13 -12.49
CA PRO C 87 8.08 6.34 -11.66
C PRO C 87 8.83 5.78 -10.45
N CYS C 88 8.17 5.78 -9.30
CA CYS C 88 8.81 5.23 -8.11
C CYS C 88 8.93 3.72 -8.24
N GLY C 89 9.63 3.11 -7.30
CA GLY C 89 9.82 1.67 -7.33
C GLY C 89 8.55 0.85 -7.35
N ARG C 90 7.53 1.24 -6.57
N ARG C 90 7.54 1.25 -6.57
CA ARG C 90 6.29 0.47 -6.59
CA ARG C 90 6.26 0.53 -6.55
C ARG C 90 5.63 0.55 -7.95
C ARG C 90 5.66 0.54 -7.94
N CYS C 91 5.61 1.74 -8.55
CA CYS C 91 5.03 1.89 -9.89
C CYS C 91 5.81 1.10 -10.93
N ARG C 92 7.14 1.10 -10.82
CA ARG C 92 7.94 0.32 -11.75
C ARG C 92 7.54 -1.16 -11.70
N GLN C 93 7.34 -1.68 -10.49
CA GLN C 93 6.94 -3.07 -10.33
C GLN C 93 5.56 -3.35 -10.92
N VAL C 94 4.58 -2.51 -10.60
CA VAL C 94 3.25 -2.69 -11.15
C VAL C 94 3.24 -2.60 -12.68
N LEU C 95 3.95 -1.60 -13.22
CA LEU C 95 4.03 -1.43 -14.69
C LEU C 95 4.69 -2.63 -15.34
N LEU C 96 5.78 -3.10 -14.76
CA LEU C 96 6.46 -4.29 -15.31
C LEU C 96 5.51 -5.49 -15.36
N ASP C 97 4.77 -5.69 -14.27
CA ASP C 97 3.92 -6.88 -14.13
C ASP C 97 2.65 -6.82 -14.98
N LEU C 98 2.08 -5.62 -15.15
CA LEU C 98 0.80 -5.48 -15.84
C LEU C 98 0.90 -4.99 -17.27
N HIS C 99 1.98 -4.28 -17.59
CA HIS C 99 2.23 -3.83 -18.97
C HIS C 99 3.72 -3.96 -19.31
N PRO C 100 4.21 -5.20 -19.41
CA PRO C 100 5.64 -5.44 -19.63
C PRO C 100 6.22 -4.79 -20.89
N GLY C 101 5.36 -4.52 -21.86
CA GLY C 101 5.81 -3.86 -23.08
C GLY C 101 5.89 -2.34 -23.00
N ILE C 102 5.60 -1.78 -21.84
CA ILE C 102 5.51 -0.33 -21.72
C ILE C 102 6.89 0.36 -21.65
N LYS C 103 6.95 1.60 -22.15
CA LYS C 103 8.08 2.50 -21.92
C LYS C 103 7.65 3.58 -20.94
N ALA C 104 8.61 4.06 -20.16
CA ALA C 104 8.38 5.19 -19.28
C ALA C 104 9.27 6.34 -19.72
N ILE C 105 8.72 7.55 -19.73
CA ILE C 105 9.50 8.73 -20.04
C ILE C 105 10.18 9.23 -18.77
N VAL C 106 11.51 9.31 -18.81
CA VAL C 106 12.30 9.77 -17.68
C VAL C 106 13.31 10.79 -18.19
N LYS C 107 14.03 11.44 -17.28
CA LYS C 107 15.12 12.33 -17.67
C LYS C 107 16.39 11.52 -17.87
N ASP C 108 17.09 11.79 -18.98
CA ASP C 108 18.41 11.20 -19.23
C ASP C 108 19.47 11.94 -18.41
N SER C 109 20.74 11.61 -18.64
CA SER C 109 21.86 12.22 -17.93
C SER C 109 21.96 13.74 -18.13
N ASP C 110 21.44 14.23 -19.26
CA ASP C 110 21.44 15.67 -19.57
C ASP C 110 20.18 16.40 -19.10
N GLY C 111 19.24 15.65 -18.51
CA GLY C 111 17.98 16.22 -18.04
C GLY C 111 16.92 16.32 -19.12
N GLN C 112 17.20 15.70 -20.27
CA GLN C 112 16.26 15.70 -21.39
C GLN C 112 15.40 14.44 -21.39
N PRO C 113 14.13 14.57 -21.82
CA PRO C 113 13.19 13.45 -21.89
C PRO C 113 13.69 12.30 -22.76
N THR C 114 13.53 11.08 -22.25
CA THR C 114 13.87 9.87 -22.99
C THR C 114 12.92 8.75 -22.59
N ALA C 115 12.45 7.98 -23.58
CA ALA C 115 11.55 6.86 -23.28
C ALA C 115 12.35 5.59 -23.17
N VAL C 116 12.25 4.94 -22.01
CA VAL C 116 13.03 3.75 -21.72
C VAL C 116 12.10 2.58 -21.42
N GLY C 117 12.47 1.36 -21.85
CA GLY C 117 11.72 0.16 -21.52
C GLY C 117 11.63 0.02 -20.01
N ILE C 118 10.48 -0.43 -19.52
CA ILE C 118 10.25 -0.53 -18.08
C ILE C 118 11.29 -1.41 -17.37
N ARG C 119 11.75 -2.47 -18.05
CA ARG C 119 12.76 -3.35 -17.45
C ARG C 119 14.07 -2.62 -17.12
N GLU C 120 14.41 -1.61 -17.91
CA GLU C 120 15.61 -0.79 -17.66
C GLU C 120 15.56 -0.07 -16.32
N LEU C 121 14.35 0.12 -15.80
CA LEU C 121 14.14 0.83 -14.54
C LEU C 121 14.13 -0.12 -13.34
N LEU C 122 14.13 -1.42 -13.61
CA LEU C 122 14.29 -2.41 -12.55
C LEU C 122 15.40 -3.40 -12.92
N PRO C 123 16.66 -2.93 -12.96
CA PRO C 123 17.77 -3.78 -13.38
C PRO C 123 18.09 -4.83 -12.32
N SER C 124 18.75 -5.90 -12.74
CA SER C 124 19.04 -7.02 -11.86
C SER C 124 20.20 -6.71 -10.90
N PRO D 2 32.44 -12.33 -4.09
CA PRO D 2 32.47 -13.15 -2.88
C PRO D 2 31.86 -12.42 -1.68
N LEU D 3 30.86 -13.03 -1.05
CA LEU D 3 30.22 -12.42 0.12
C LEU D 3 31.13 -12.42 1.35
N SER D 4 31.03 -11.35 2.14
CA SER D 4 31.70 -11.27 3.42
C SER D 4 31.06 -12.27 4.39
N GLN D 5 31.78 -12.61 5.45
CA GLN D 5 31.28 -13.53 6.48
C GLN D 5 29.93 -13.03 7.04
N GLU D 6 29.85 -11.73 7.31
CA GLU D 6 28.65 -11.12 7.87
C GLU D 6 27.45 -11.22 6.93
N GLU D 7 27.69 -10.93 5.65
CA GLU D 7 26.66 -11.06 4.61
C GLU D 7 26.19 -12.49 4.43
N SER D 8 27.14 -13.43 4.43
CA SER D 8 26.79 -14.85 4.36
C SER D 8 25.86 -15.26 5.51
N THR D 9 26.11 -14.69 6.69
CA THR D 9 25.29 -14.98 7.87
C THR D 9 23.83 -14.57 7.66
N LEU D 10 23.61 -13.48 6.93
CA LEU D 10 22.25 -13.05 6.61
C LEU D 10 21.49 -14.11 5.83
N ILE D 11 22.13 -14.71 4.83
CA ILE D 11 21.49 -15.78 4.06
C ILE D 11 21.13 -16.96 4.98
N GLU D 12 22.09 -17.39 5.81
CA GLU D 12 21.85 -18.46 6.78
C GLU D 12 20.64 -18.17 7.66
N ARG D 13 20.60 -16.96 8.19
CA ARG D 13 19.55 -16.57 9.13
C ARG D 13 18.16 -16.48 8.49
N ALA D 14 18.08 -15.83 7.32
CA ALA D 14 16.80 -15.74 6.61
C ALA D 14 16.33 -17.12 6.17
N THR D 15 17.27 -17.95 5.73
CA THR D 15 16.94 -19.32 5.32
C THR D 15 16.39 -20.13 6.50
N ALA D 16 17.08 -20.07 7.64
CA ALA D 16 16.63 -20.74 8.86
C ALA D 16 15.23 -20.27 9.26
N THR D 17 15.01 -18.96 9.19
CA THR D 17 13.72 -18.39 9.56
C THR D 17 12.59 -18.93 8.69
N ILE D 18 12.71 -18.82 7.36
CA ILE D 18 11.59 -19.27 6.53
C ILE D 18 11.39 -20.79 6.59
N ASN D 19 12.49 -21.54 6.72
CA ASN D 19 12.36 -23.00 6.82
C ASN D 19 11.75 -23.46 8.14
N SER D 20 11.76 -22.60 9.16
CA SER D 20 11.29 -22.95 10.49
C SER D 20 9.78 -22.80 10.70
N ILE D 21 9.10 -22.19 9.74
CA ILE D 21 7.67 -21.92 9.88
C ILE D 21 6.82 -22.79 8.96
N PRO D 22 5.54 -23.03 9.33
CA PRO D 22 4.67 -23.83 8.46
C PRO D 22 4.57 -23.23 7.05
N ILE D 23 4.52 -24.08 6.04
CA ILE D 23 4.37 -23.61 4.67
C ILE D 23 3.04 -22.85 4.57
N SER D 24 3.12 -21.63 4.08
CA SER D 24 1.96 -20.74 4.05
C SER D 24 1.95 -19.89 2.79
N GLU D 25 0.74 -19.62 2.29
CA GLU D 25 0.57 -18.70 1.18
C GLU D 25 0.63 -17.24 1.65
N ASP D 26 0.39 -17.03 2.94
CA ASP D 26 0.40 -15.68 3.53
C ASP D 26 1.78 -15.27 4.01
N TYR D 27 2.55 -16.26 4.48
CA TYR D 27 3.85 -16.05 5.11
C TYR D 27 4.85 -16.95 4.38
N SER D 28 5.46 -16.40 3.33
CA SER D 28 6.18 -17.22 2.35
C SER D 28 7.62 -16.81 2.05
N VAL D 29 8.05 -15.68 2.61
CA VAL D 29 9.41 -15.17 2.43
C VAL D 29 9.93 -14.68 3.78
N ALA D 30 11.20 -14.97 4.08
CA ALA D 30 11.88 -14.34 5.21
C ALA D 30 13.00 -13.43 4.73
N SER D 31 13.33 -12.47 5.57
CA SER D 31 14.41 -11.54 5.28
C SER D 31 15.27 -11.37 6.52
N ALA D 32 16.54 -11.03 6.31
CA ALA D 32 17.46 -10.69 7.38
C ALA D 32 18.29 -9.49 6.94
N ALA D 33 18.50 -8.56 7.87
CA ALA D 33 19.34 -7.40 7.63
C ALA D 33 20.38 -7.21 8.71
N LEU D 34 21.51 -6.64 8.31
CA LEU D 34 22.61 -6.28 9.19
C LEU D 34 22.58 -4.78 9.49
N SER D 35 22.66 -4.42 10.77
CA SER D 35 22.77 -3.01 11.15
C SER D 35 24.23 -2.60 11.16
N SER D 36 24.47 -1.29 11.13
CA SER D 36 25.84 -0.76 11.15
C SER D 36 26.64 -1.22 12.38
N ASP D 37 25.96 -1.49 13.50
CA ASP D 37 26.68 -1.96 14.70
C ASP D 37 26.81 -3.48 14.80
N GLY D 38 26.35 -4.19 13.77
CA GLY D 38 26.61 -5.62 13.66
C GLY D 38 25.48 -6.53 14.09
N ARG D 39 24.37 -5.94 14.54
CA ARG D 39 23.20 -6.74 14.89
C ARG D 39 22.48 -7.24 13.64
N ILE D 40 21.72 -8.32 13.81
CA ILE D 40 20.97 -8.95 12.72
C ILE D 40 19.50 -8.98 13.10
N PHE D 41 18.64 -8.54 12.18
CA PHE D 41 17.20 -8.51 12.40
C PHE D 41 16.50 -9.30 11.32
N THR D 42 15.45 -10.01 11.69
CA THR D 42 14.73 -10.85 10.76
C THR D 42 13.27 -10.45 10.65
N GLY D 43 12.57 -11.06 9.70
CA GLY D 43 11.14 -10.82 9.52
C GLY D 43 10.62 -11.73 8.44
N VAL D 44 9.30 -11.91 8.41
CA VAL D 44 8.62 -12.68 7.39
C VAL D 44 7.57 -11.75 6.78
N ASN D 45 7.22 -11.99 5.52
CA ASN D 45 6.24 -11.12 4.85
C ASN D 45 4.83 -11.39 5.36
N VAL D 46 3.90 -10.49 5.00
CA VAL D 46 2.50 -10.61 5.35
C VAL D 46 1.75 -10.26 4.07
N TYR D 47 1.34 -11.28 3.33
CA TYR D 47 0.65 -11.02 2.07
C TYR D 47 -0.72 -10.42 2.30
N HIS D 48 -1.01 -9.35 1.56
CA HIS D 48 -2.38 -8.83 1.52
C HIS D 48 -2.56 -7.94 0.31
N PHE D 49 -3.75 -8.01 -0.29
CA PHE D 49 -4.03 -7.27 -1.54
C PHE D 49 -3.89 -5.74 -1.36
N THR D 50 -4.05 -5.27 -0.12
CA THR D 50 -3.88 -3.83 0.13
C THR D 50 -2.42 -3.42 0.27
N GLY D 51 -1.51 -4.37 0.07
CA GLY D 51 -0.09 -4.06 0.17
C GLY D 51 0.53 -4.50 1.47
N GLY D 52 0.16 -5.69 1.94
CA GLY D 52 0.83 -6.25 3.11
C GLY D 52 2.34 -6.23 2.90
N PRO D 53 3.09 -6.01 3.97
CA PRO D 53 4.53 -5.79 3.78
C PRO D 53 5.30 -7.01 3.29
N CYS D 54 6.23 -6.79 2.37
CA CYS D 54 7.23 -7.79 2.07
C CYS D 54 8.09 -8.03 3.30
N ALA D 55 8.80 -9.16 3.30
CA ALA D 55 9.64 -9.51 4.44
C ALA D 55 10.66 -8.40 4.76
N GLU D 56 11.22 -7.77 3.73
CA GLU D 56 12.17 -6.66 3.91
C GLU D 56 11.59 -5.56 4.76
N LEU D 57 10.31 -5.24 4.56
CA LEU D 57 9.71 -4.13 5.27
C LEU D 57 9.45 -4.50 6.73
N VAL D 58 9.10 -5.76 6.96
CA VAL D 58 8.97 -6.26 8.34
C VAL D 58 10.33 -6.17 9.06
N VAL D 59 11.41 -6.54 8.36
CA VAL D 59 12.75 -6.39 8.90
C VAL D 59 13.03 -4.92 9.26
N LEU D 60 12.68 -3.98 8.40
CA LEU D 60 12.93 -2.58 8.70
C LEU D 60 12.21 -2.12 9.97
N GLY D 61 10.99 -2.60 10.20
CA GLY D 61 10.21 -2.21 11.39
C GLY D 61 10.74 -2.89 12.63
N THR D 62 11.32 -4.07 12.45
CA THR D 62 11.93 -4.83 13.54
C THR D 62 13.22 -4.15 14.00
N ALA D 63 14.03 -3.74 13.03
CA ALA D 63 15.24 -2.99 13.30
C ALA D 63 14.91 -1.67 13.98
N ALA D 64 13.90 -0.97 13.46
CA ALA D 64 13.49 0.31 14.04
C ALA D 64 13.02 0.16 15.49
N ALA D 65 12.34 -0.95 15.78
CA ALA D 65 11.87 -1.22 17.15
C ALA D 65 13.03 -1.41 18.14
N ALA D 66 14.20 -1.76 17.60
CA ALA D 66 15.40 -1.96 18.41
C ALA D 66 16.36 -0.77 18.32
N ALA D 67 15.89 0.33 17.74
CA ALA D 67 16.71 1.54 17.56
C ALA D 67 18.01 1.19 16.85
N ALA D 68 17.91 0.33 15.83
CA ALA D 68 19.09 -0.19 15.14
C ALA D 68 19.85 0.86 14.32
N GLY D 69 19.20 1.97 13.95
CA GLY D 69 19.82 2.93 13.04
C GLY D 69 20.02 2.38 11.63
N ASN D 70 21.16 2.70 11.04
CA ASN D 70 21.42 2.29 9.66
C ASN D 70 21.47 0.78 9.48
N LEU D 71 20.78 0.30 8.44
CA LEU D 71 20.96 -1.07 7.97
C LEU D 71 21.88 -1.03 6.75
N THR D 72 22.88 -1.92 6.74
CA THR D 72 23.94 -1.87 5.71
C THR D 72 23.77 -2.96 4.65
N CYS D 73 23.08 -4.05 4.99
CA CYS D 73 22.85 -5.12 4.01
C CYS D 73 21.59 -5.88 4.35
N ILE D 74 20.88 -6.37 3.31
CA ILE D 74 19.63 -7.09 3.50
C ILE D 74 19.54 -8.20 2.45
N VAL D 75 18.86 -9.28 2.80
CA VAL D 75 18.55 -10.36 1.86
C VAL D 75 17.14 -10.90 2.14
N ALA D 76 16.52 -11.46 1.10
CA ALA D 76 15.25 -12.16 1.24
C ALA D 76 15.39 -13.57 0.67
N ILE D 77 14.81 -14.54 1.38
CA ILE D 77 14.85 -15.94 0.99
C ILE D 77 13.42 -16.49 0.91
N GLY D 78 13.10 -17.08 -0.22
CA GLY D 78 11.79 -17.66 -0.42
C GLY D 78 11.62 -19.01 0.26
N ASN D 79 10.38 -19.34 0.62
CA ASN D 79 10.04 -20.64 1.18
C ASN D 79 10.21 -21.75 0.17
N GLU D 80 10.04 -22.98 0.65
CA GLU D 80 10.15 -24.18 -0.20
C GLU D 80 11.47 -24.22 -0.99
N ASN D 81 12.55 -23.85 -0.30
CA ASN D 81 13.91 -23.91 -0.84
C ASN D 81 14.13 -23.09 -2.11
N ARG D 82 13.46 -21.95 -2.23
CA ARG D 82 13.56 -21.12 -3.43
C ARG D 82 14.83 -20.25 -3.48
N GLY D 83 15.49 -20.09 -2.34
CA GLY D 83 16.71 -19.30 -2.31
C GLY D 83 16.49 -17.79 -2.37
N ILE D 84 17.53 -17.06 -2.77
CA ILE D 84 17.53 -15.61 -2.77
C ILE D 84 16.50 -15.04 -3.75
N LEU D 85 15.69 -14.10 -3.25
CA LEU D 85 14.75 -13.37 -4.08
C LEU D 85 15.16 -11.91 -4.09
N SER D 86 15.29 -11.32 -5.27
N SER D 86 15.27 -11.33 -5.28
CA SER D 86 15.63 -9.90 -5.38
CA SER D 86 15.56 -9.91 -5.43
C SER D 86 14.46 -9.03 -4.94
C SER D 86 14.42 -9.10 -4.82
N PRO D 87 14.74 -7.96 -4.16
CA PRO D 87 13.64 -7.12 -3.65
C PRO D 87 12.78 -6.58 -4.78
N CYS D 88 11.47 -6.56 -4.56
CA CYS D 88 10.55 -6.01 -5.54
C CYS D 88 10.73 -4.49 -5.65
N GLY D 89 10.11 -3.88 -6.65
CA GLY D 89 10.24 -2.46 -6.83
C GLY D 89 9.80 -1.61 -5.64
N ARG D 90 8.72 -2.04 -4.99
N ARG D 90 8.71 -2.00 -4.98
CA ARG D 90 8.25 -1.32 -3.81
CA ARG D 90 8.31 -1.22 -3.80
C ARG D 90 9.32 -1.31 -2.71
C ARG D 90 9.37 -1.29 -2.70
N CYS D 91 9.86 -2.50 -2.42
CA CYS D 91 10.93 -2.64 -1.43
C CYS D 91 12.17 -1.83 -1.82
N ARG D 92 12.53 -1.85 -3.10
CA ARG D 92 13.68 -1.06 -3.54
C ARG D 92 13.49 0.41 -3.19
N GLN D 93 12.29 0.94 -3.44
CA GLN D 93 12.01 2.35 -3.14
C GLN D 93 12.09 2.63 -1.64
N VAL D 94 11.46 1.76 -0.83
CA VAL D 94 11.47 1.99 0.62
C VAL D 94 12.89 1.90 1.16
N LEU D 95 13.64 0.90 0.69
CA LEU D 95 15.03 0.72 1.12
C LEU D 95 15.89 1.93 0.75
N LEU D 96 15.77 2.40 -0.50
CA LEU D 96 16.51 3.58 -0.94
C LEU D 96 16.19 4.79 -0.07
N ASP D 97 14.90 4.97 0.22
CA ASP D 97 14.47 6.15 0.95
C ASP D 97 14.83 6.14 2.43
N LEU D 98 14.76 4.97 3.06
N LEU D 98 14.72 4.97 3.06
CA LEU D 98 14.99 4.88 4.51
CA LEU D 98 14.94 4.83 4.49
C LEU D 98 16.39 4.43 4.89
C LEU D 98 16.39 4.50 4.85
N HIS D 99 17.06 3.74 3.98
CA HIS D 99 18.44 3.32 4.22
C HIS D 99 19.25 3.46 2.94
N PRO D 100 19.52 4.71 2.53
CA PRO D 100 20.22 4.91 1.23
C PRO D 100 21.60 4.27 1.13
N GLY D 101 22.21 3.96 2.27
CA GLY D 101 23.51 3.30 2.26
C GLY D 101 23.48 1.78 2.19
N ILE D 102 22.27 1.22 2.06
CA ILE D 102 22.10 -0.23 2.13
C ILE D 102 22.49 -0.94 0.83
N LYS D 103 22.95 -2.18 0.96
CA LYS D 103 23.13 -3.10 -0.13
C LYS D 103 22.09 -4.21 -0.02
N ALA D 104 21.67 -4.74 -1.15
CA ALA D 104 20.82 -5.93 -1.18
C ALA D 104 21.58 -7.09 -1.78
N ILE D 105 21.40 -8.26 -1.18
CA ILE D 105 21.99 -9.48 -1.73
C ILE D 105 21.06 -10.07 -2.79
N VAL D 106 21.58 -10.21 -4.00
CA VAL D 106 20.84 -10.76 -5.13
C VAL D 106 21.68 -11.83 -5.82
N LYS D 107 21.09 -12.58 -6.74
CA LYS D 107 21.88 -13.54 -7.50
C LYS D 107 22.53 -12.86 -8.70
N ASP D 108 23.83 -13.12 -8.90
CA ASP D 108 24.53 -12.62 -10.08
C ASP D 108 24.17 -13.45 -11.31
N SER D 109 24.84 -13.17 -12.44
CA SER D 109 24.52 -13.87 -13.69
C SER D 109 24.73 -15.39 -13.62
N ASP D 110 25.62 -15.82 -12.72
CA ASP D 110 25.90 -17.23 -12.51
C ASP D 110 25.04 -17.86 -11.41
N GLY D 111 24.12 -17.08 -10.85
CA GLY D 111 23.22 -17.58 -9.80
C GLY D 111 23.82 -17.53 -8.40
N GLN D 112 24.97 -16.87 -8.26
CA GLN D 112 25.73 -16.80 -7.01
C GLN D 112 25.45 -15.49 -6.26
N PRO D 113 25.47 -15.53 -4.91
CA PRO D 113 25.12 -14.31 -4.16
C PRO D 113 26.10 -13.16 -4.34
N THR D 114 25.54 -11.96 -4.54
CA THR D 114 26.34 -10.75 -4.61
C THR D 114 25.59 -9.61 -3.91
N ALA D 115 26.33 -8.76 -3.21
CA ALA D 115 25.74 -7.62 -2.51
C ALA D 115 25.90 -6.35 -3.35
N VAL D 116 24.77 -5.79 -3.77
CA VAL D 116 24.81 -4.60 -4.64
C VAL D 116 24.15 -3.39 -3.98
N GLY D 117 24.69 -2.21 -4.23
CA GLY D 117 24.12 -0.97 -3.72
C GLY D 117 22.68 -0.84 -4.18
N ILE D 118 21.82 -0.36 -3.29
CA ILE D 118 20.41 -0.22 -3.61
C ILE D 118 20.16 0.63 -4.87
N ARG D 119 20.97 1.68 -5.07
CA ARG D 119 20.82 2.54 -6.26
C ARG D 119 21.00 1.79 -7.57
N GLU D 120 21.81 0.73 -7.55
CA GLU D 120 22.02 -0.12 -8.73
C GLU D 120 20.76 -0.90 -9.12
N LEU D 121 19.84 -1.04 -8.17
CA LEU D 121 18.60 -1.77 -8.41
C LEU D 121 17.45 -0.83 -8.75
N LEU D 122 17.71 0.47 -8.63
CA LEU D 122 16.68 1.50 -8.81
C LEU D 122 17.28 2.82 -9.30
N PRO D 123 17.69 2.86 -10.57
CA PRO D 123 18.29 4.07 -11.15
C PRO D 123 17.36 5.28 -11.12
C1 GLC E . -4.35 19.63 16.32
C2 GLC E . -3.64 18.68 15.34
C3 GLC E . -4.40 17.38 15.15
C4 GLC E . -4.80 16.78 16.50
C5 GLC E . -5.54 17.81 17.35
C6 GLC E . -5.99 17.28 18.71
O2 GLC E . -3.47 19.34 14.07
O3 GLC E . -3.61 16.45 14.40
O4 GLC E . -5.67 15.67 16.30
O5 GLC E . -4.68 18.94 17.53
O6 GLC E . -4.90 16.77 19.48
C1 GLC E . -6.11 21.26 16.46
C2 GLC E . -7.36 21.74 15.75
C3 GLC E . -7.01 22.29 14.37
C4 GLC E . -5.95 23.39 14.49
C5 GLC E . -4.74 22.91 15.32
C6 GLC E . -3.77 24.05 15.60
O1 GLC E . -5.54 20.17 15.72
O2 GLC E . -8.27 20.63 15.65
O3 GLC E . -8.16 22.84 13.74
O4 GLC E . -5.50 23.77 13.17
O5 GLC E . -5.19 22.36 16.57
O6 GLC E . -4.28 24.86 16.67
ZN ZN F . -2.59 0.78 10.14
ZN ZN G . -10.49 -1.20 -1.00
ZN ZN H . 4.80 5.50 -7.81
ZN ZN I . 8.96 -6.28 -1.89
#